data_1XI3
#
_entry.id   1XI3
#
_cell.length_a   72.386
_cell.length_b   81.210
_cell.length_c   152.903
_cell.angle_alpha   90.00
_cell.angle_beta   90.00
_cell.angle_gamma   90.00
#
_symmetry.space_group_name_H-M   'I 2 2 2'
#
loop_
_entity.id
_entity.type
_entity.pdbx_description
1 polymer 'Thiamine phosphate pyrophosphorylase'
2 non-polymer 'SULFATE ION'
3 non-polymer 'UNKNOWN ATOM OR ION'
4 non-polymer 'NICKEL (II) ION'
5 water water
#
_entity_poly.entity_id   1
_entity_poly.type   'polypeptide(L)'
_entity_poly.pdbx_seq_one_letter_code
;AHHHHHHGSNLRNKLKLYVITDRRLKPEVESVREALEGGATAIQMRIKNAPTREMYEIGKTLRQLTREYDALFFVDDRVD
VALAVDADGVQLGPEDMPIEVAKEIAPNLIIGASVYSLEEALEAEKKGADYLGAGSVFPTKTKEDARVIGLEGLRKIVES
VKIPVVAIGGINKDNAREVLKTGVDGIAVISAVMGAEDVRKATEELRKIVEEVLG
;
_entity_poly.pdbx_strand_id   A,B
#
loop_
_chem_comp.id
_chem_comp.type
_chem_comp.name
_chem_comp.formula
NI non-polymer 'NICKEL (II) ION' 'Ni 2'
SO4 non-polymer 'SULFATE ION' 'O4 S -2'
UNX non-polymer 'UNKNOWN ATOM OR ION' ?
#
# COMPACT_ATOMS: atom_id res chain seq x y z
N ASN A 10 -10.22 5.33 -26.67
CA ASN A 10 -9.98 6.32 -25.54
C ASN A 10 -8.79 5.84 -24.70
N LEU A 11 -9.11 5.05 -23.69
CA LEU A 11 -8.13 4.20 -23.05
C LEU A 11 -7.40 3.40 -24.12
N ARG A 12 -8.14 2.82 -25.05
CA ARG A 12 -7.52 1.93 -26.04
C ARG A 12 -6.42 2.64 -26.83
N ASN A 13 -6.66 3.89 -27.24
CA ASN A 13 -5.64 4.61 -27.98
C ASN A 13 -4.47 5.05 -27.12
N LYS A 14 -4.74 5.38 -25.87
CA LYS A 14 -3.64 5.81 -25.00
C LYS A 14 -2.79 4.68 -24.42
N LEU A 15 -3.17 3.42 -24.64
CA LEU A 15 -2.36 2.26 -24.21
C LEU A 15 -1.30 1.84 -25.22
N LYS A 16 -1.15 2.59 -26.32
CA LYS A 16 -0.32 2.10 -27.41
C LYS A 16 1.19 1.92 -27.08
N LEU A 17 1.79 2.87 -26.38
CA LEU A 17 3.16 2.72 -25.96
C LEU A 17 3.21 3.01 -24.47
N TYR A 18 3.28 1.92 -23.72
CA TYR A 18 3.09 1.88 -22.29
C TYR A 18 4.48 1.61 -21.65
N VAL A 19 5.02 2.61 -20.97
CA VAL A 19 6.37 2.55 -20.42
C VAL A 19 6.30 2.43 -18.89
N ILE A 20 7.05 1.46 -18.35
CA ILE A 20 7.02 1.15 -16.95
C ILE A 20 8.38 1.49 -16.34
N THR A 21 8.36 2.11 -15.18
CA THR A 21 9.61 2.51 -14.51
C THR A 21 10.37 1.32 -13.97
N ASP A 22 11.67 1.50 -13.76
CA ASP A 22 12.48 0.51 -13.05
C ASP A 22 13.71 1.16 -12.49
N ARG A 23 13.65 1.57 -11.23
CA ARG A 23 14.76 2.27 -10.58
C ARG A 23 16.02 1.40 -10.46
N ARG A 24 15.89 0.09 -10.69
CA ARG A 24 17.10 -0.77 -10.84
C ARG A 24 17.96 -0.35 -12.04
N LEU A 25 17.33 0.27 -13.03
CA LEU A 25 17.97 0.70 -14.26
C LEU A 25 18.15 2.21 -14.30
N LYS A 26 17.10 2.98 -13.97
CA LYS A 26 17.14 4.44 -14.08
C LYS A 26 16.20 5.05 -13.08
N PRO A 27 16.54 6.22 -12.55
CA PRO A 27 15.59 6.84 -11.61
C PRO A 27 14.31 7.26 -12.32
N GLU A 28 13.22 7.28 -11.57
CA GLU A 28 11.90 7.39 -12.20
C GLU A 28 11.64 8.75 -12.84
N VAL A 29 11.93 9.83 -12.09
CA VAL A 29 11.51 11.15 -12.56
C VAL A 29 12.27 11.53 -13.82
N GLU A 30 13.58 11.35 -13.79
CA GLU A 30 14.44 11.65 -14.95
C GLU A 30 14.05 10.83 -16.17
N SER A 31 13.86 9.54 -15.97
CA SER A 31 13.60 8.62 -17.09
C SER A 31 12.18 8.80 -17.67
N VAL A 32 11.21 9.05 -16.81
CA VAL A 32 9.84 9.29 -17.28
C VAL A 32 9.76 10.58 -18.12
N ARG A 33 10.46 11.63 -17.71
CA ARG A 33 10.51 12.84 -18.54
C ARG A 33 10.98 12.52 -19.98
N GLU A 34 12.10 11.83 -20.09
CA GLU A 34 12.66 11.42 -21.39
C GLU A 34 11.71 10.50 -22.17
N ALA A 35 11.08 9.54 -21.52
CA ALA A 35 10.13 8.65 -22.22
C ALA A 35 8.93 9.43 -22.74
N LEU A 36 8.42 10.35 -21.93
CA LEU A 36 7.31 11.19 -22.36
C LEU A 36 7.74 12.06 -23.56
N GLU A 37 8.91 12.67 -23.46
CA GLU A 37 9.51 13.38 -24.63
C GLU A 37 9.59 12.50 -25.87
N GLY A 38 9.90 11.23 -25.68
CA GLY A 38 10.02 10.29 -26.77
C GLY A 38 8.70 9.76 -27.32
N GLY A 39 7.58 10.05 -26.66
CA GLY A 39 6.26 9.67 -27.18
C GLY A 39 5.53 8.57 -26.45
N ALA A 40 5.96 8.23 -25.23
CA ALA A 40 5.15 7.30 -24.41
C ALA A 40 3.75 7.87 -24.22
N THR A 41 2.74 6.99 -24.32
CA THR A 41 1.37 7.41 -24.16
C THR A 41 0.78 7.08 -22.79
N ALA A 42 1.45 6.17 -22.09
CA ALA A 42 1.06 5.77 -20.74
C ALA A 42 2.34 5.46 -19.97
N ILE A 43 2.32 5.79 -18.68
CA ILE A 43 3.41 5.52 -17.78
C ILE A 43 2.87 4.76 -16.58
N GLN A 44 3.62 3.75 -16.16
CA GLN A 44 3.30 3.03 -14.94
C GLN A 44 4.48 3.16 -13.98
N MET A 45 4.19 3.67 -12.80
CA MET A 45 5.12 3.71 -11.70
C MET A 45 5.13 2.38 -10.98
N ARG A 46 6.27 1.71 -11.00
CA ARG A 46 6.37 0.36 -10.41
C ARG A 46 7.59 0.38 -9.48
N ILE A 47 7.32 0.54 -8.18
CA ILE A 47 8.37 0.65 -7.16
C ILE A 47 8.22 -0.48 -6.12
N LYS A 48 9.26 -1.27 -5.95
CA LYS A 48 9.35 -2.30 -4.89
C LYS A 48 10.16 -1.76 -3.71
N ASN A 49 9.71 -2.02 -2.49
CA ASN A 49 10.51 -1.79 -1.30
C ASN A 49 10.96 -0.35 -1.11
N ALA A 50 10.01 0.58 -1.22
CA ALA A 50 10.20 1.95 -0.77
C ALA A 50 9.06 2.33 0.18
N PRO A 51 9.32 3.26 1.08
CA PRO A 51 8.29 3.76 2.01
C PRO A 51 7.14 4.40 1.25
N THR A 52 5.94 4.32 1.81
CA THR A 52 4.80 4.91 1.20
C THR A 52 4.96 6.40 0.94
N ARG A 53 5.66 7.09 1.85
CA ARG A 53 5.91 8.52 1.66
C ARG A 53 6.64 8.81 0.36
N GLU A 54 7.65 8.00 0.08
CA GLU A 54 8.45 8.13 -1.12
C GLU A 54 7.66 7.84 -2.37
N MET A 55 6.91 6.73 -2.33
CA MET A 55 6.00 6.39 -3.45
C MET A 55 5.03 7.56 -3.76
N TYR A 56 4.53 8.20 -2.70
CA TYR A 56 3.62 9.31 -2.83
C TYR A 56 4.33 10.50 -3.45
N GLU A 57 5.51 10.85 -2.94
CA GLU A 57 6.22 12.03 -3.48
C GLU A 57 6.59 11.88 -4.95
N ILE A 58 7.14 10.71 -5.30
CA ILE A 58 7.48 10.42 -6.71
C ILE A 58 6.19 10.40 -7.56
N GLY A 59 5.16 9.78 -7.03
CA GLY A 59 3.90 9.69 -7.74
C GLY A 59 3.31 11.06 -8.09
N LYS A 60 3.41 11.98 -7.14
CA LYS A 60 2.88 13.31 -7.36
C LYS A 60 3.64 13.96 -8.54
N THR A 61 4.95 13.81 -8.55
CA THR A 61 5.76 14.37 -9.64
C THR A 61 5.41 13.73 -11.00
N LEU A 62 5.32 12.40 -11.03
CA LEU A 62 4.95 11.72 -12.26
C LEU A 62 3.52 12.02 -12.71
N ARG A 63 2.64 12.26 -11.76
CA ARG A 63 1.26 12.67 -12.08
C ARG A 63 1.29 13.99 -12.84
N GLN A 64 2.10 14.94 -12.35
CA GLN A 64 2.25 16.25 -13.01
C GLN A 64 2.84 16.12 -14.40
N LEU A 65 3.91 15.37 -14.51
CA LEU A 65 4.59 15.13 -15.77
C LEU A 65 3.69 14.51 -16.80
N THR A 66 3.01 13.43 -16.43
CA THR A 66 2.12 12.79 -17.35
C THR A 66 1.05 13.75 -17.85
N ARG A 67 0.47 14.55 -16.97
CA ARG A 67 -0.56 15.51 -17.39
C ARG A 67 0.00 16.51 -18.41
N GLU A 68 1.24 16.90 -18.23
CA GLU A 68 1.89 17.86 -19.14
C GLU A 68 2.00 17.32 -20.54
N TYR A 69 2.14 16.01 -20.66
CA TYR A 69 2.23 15.33 -21.97
C TYR A 69 0.92 14.60 -22.39
N ASP A 70 -0.17 14.81 -21.65
CA ASP A 70 -1.46 14.21 -21.95
C ASP A 70 -1.33 12.68 -21.99
N ALA A 71 -0.51 12.15 -21.08
CA ALA A 71 -0.33 10.70 -20.97
C ALA A 71 -1.08 10.18 -19.77
N LEU A 72 -1.53 8.93 -19.90
CA LEU A 72 -2.12 8.21 -18.80
C LEU A 72 -1.02 7.81 -17.77
N PHE A 73 -1.45 7.75 -16.51
CA PHE A 73 -0.58 7.41 -15.38
C PHE A 73 -1.19 6.31 -14.51
N PHE A 74 -0.44 5.20 -14.40
CA PHE A 74 -0.84 4.05 -13.60
C PHE A 74 0.16 3.79 -12.55
N VAL A 75 -0.31 3.23 -11.43
CA VAL A 75 0.57 2.73 -10.38
C VAL A 75 0.44 1.20 -10.32
N ASP A 76 1.58 0.50 -10.25
CA ASP A 76 1.57 -0.96 -10.08
C ASP A 76 1.17 -1.29 -8.64
N ASP A 77 0.16 -2.17 -8.48
CA ASP A 77 -0.24 -2.75 -7.16
C ASP A 77 -1.00 -1.77 -6.29
N ARG A 78 -0.32 -0.69 -5.91
CA ARG A 78 -0.72 0.12 -4.76
C ARG A 78 -1.88 1.08 -5.02
N VAL A 79 -3.09 0.66 -4.63
CA VAL A 79 -4.31 1.46 -4.80
C VAL A 79 -4.25 2.74 -3.92
N ASP A 80 -3.65 2.63 -2.74
CA ASP A 80 -3.49 3.80 -1.84
C ASP A 80 -2.70 4.88 -2.53
N VAL A 81 -1.57 4.48 -3.11
CA VAL A 81 -0.72 5.43 -3.82
C VAL A 81 -1.44 6.04 -5.03
N ALA A 82 -2.09 5.18 -5.81
CA ALA A 82 -2.86 5.61 -6.97
C ALA A 82 -3.89 6.65 -6.56
N LEU A 83 -4.61 6.38 -5.49
CA LEU A 83 -5.64 7.35 -5.05
C LEU A 83 -4.99 8.66 -4.58
N ALA A 84 -3.94 8.54 -3.78
CA ALA A 84 -3.31 9.71 -3.15
C ALA A 84 -2.71 10.66 -4.20
N VAL A 85 -2.19 10.11 -5.29
CA VAL A 85 -1.59 10.94 -6.37
C VAL A 85 -2.53 11.23 -7.56
N ASP A 86 -3.79 10.79 -7.44
CA ASP A 86 -4.79 10.94 -8.49
C ASP A 86 -4.34 10.36 -9.80
N ALA A 87 -3.75 9.18 -9.73
CA ALA A 87 -3.44 8.46 -10.94
C ALA A 87 -4.69 8.09 -11.69
N ASP A 88 -4.53 7.84 -13.00
CA ASP A 88 -5.63 7.38 -13.81
C ASP A 88 -6.07 5.96 -13.45
N GLY A 89 -5.11 5.14 -12.99
CA GLY A 89 -5.43 3.75 -12.70
C GLY A 89 -4.38 3.02 -11.93
N VAL A 90 -4.66 1.74 -11.74
CA VAL A 90 -3.75 0.83 -11.02
C VAL A 90 -3.67 -0.48 -11.82
N GLN A 91 -2.50 -1.08 -11.82
CA GLN A 91 -2.28 -2.40 -12.43
C GLN A 91 -2.27 -3.44 -11.30
N LEU A 92 -3.03 -4.51 -11.50
CA LEU A 92 -3.18 -5.54 -10.47
C LEU A 92 -2.88 -6.93 -11.02
N GLY A 93 -2.03 -7.63 -10.28
CA GLY A 93 -1.64 -9.00 -10.56
C GLY A 93 -2.13 -9.96 -9.49
N PRO A 94 -1.77 -11.24 -9.65
CA PRO A 94 -2.22 -12.33 -8.75
C PRO A 94 -1.88 -12.13 -7.26
N GLU A 95 -0.81 -11.39 -6.94
CA GLU A 95 -0.41 -11.11 -5.53
C GLU A 95 -0.95 -9.79 -5.01
N ASP A 96 -1.83 -9.15 -5.78
CA ASP A 96 -2.30 -7.81 -5.41
C ASP A 96 -3.74 -7.85 -4.91
N MET A 97 -4.29 -6.69 -4.58
CA MET A 97 -5.70 -6.62 -4.22
C MET A 97 -6.57 -7.22 -5.28
N PRO A 98 -7.56 -8.05 -4.89
CA PRO A 98 -8.50 -8.57 -5.90
C PRO A 98 -9.21 -7.45 -6.64
N ILE A 99 -9.46 -7.67 -7.93
CA ILE A 99 -10.04 -6.68 -8.78
C ILE A 99 -11.31 -6.14 -8.19
N GLU A 100 -12.18 -7.03 -7.73
CA GLU A 100 -13.50 -6.57 -7.26
C GLU A 100 -13.37 -5.67 -6.02
N VAL A 101 -12.37 -5.94 -5.20
CA VAL A 101 -12.15 -5.19 -3.98
C VAL A 101 -11.57 -3.83 -4.33
N ALA A 102 -10.61 -3.82 -5.24
CA ALA A 102 -10.04 -2.55 -5.73
C ALA A 102 -11.12 -1.62 -6.29
N LYS A 103 -12.03 -2.20 -7.07
CA LYS A 103 -13.11 -1.43 -7.68
C LYS A 103 -14.04 -0.86 -6.62
N GLU A 104 -14.24 -1.59 -5.54
CA GLU A 104 -15.06 -1.14 -4.45
C GLU A 104 -14.46 0.06 -3.72
N ILE A 105 -13.17 0.00 -3.40
CA ILE A 105 -12.52 1.06 -2.65
C ILE A 105 -12.06 2.24 -3.51
N ALA A 106 -11.97 2.03 -4.82
CA ALA A 106 -11.45 3.03 -5.74
C ALA A 106 -12.26 2.99 -7.02
N PRO A 107 -13.55 3.38 -6.93
CA PRO A 107 -14.42 3.18 -8.07
C PRO A 107 -14.11 4.01 -9.32
N ASN A 108 -13.32 5.04 -9.20
CA ASN A 108 -12.97 5.88 -10.37
C ASN A 108 -11.67 5.50 -11.07
N LEU A 109 -10.89 4.56 -10.52
CA LEU A 109 -9.64 4.15 -11.13
C LEU A 109 -9.88 3.18 -12.28
N ILE A 110 -9.08 3.35 -13.32
CA ILE A 110 -8.99 2.36 -14.39
C ILE A 110 -8.20 1.20 -13.82
N ILE A 111 -8.70 -0.01 -14.06
CA ILE A 111 -8.07 -1.23 -13.57
C ILE A 111 -7.42 -2.00 -14.72
N GLY A 112 -6.11 -2.15 -14.64
CA GLY A 112 -5.41 -3.04 -15.51
C GLY A 112 -5.16 -4.33 -14.74
N ALA A 113 -5.27 -5.45 -15.45
CA ALA A 113 -5.00 -6.77 -14.87
C ALA A 113 -3.81 -7.45 -15.55
N SER A 114 -2.85 -7.90 -14.75
CA SER A 114 -1.69 -8.65 -15.25
C SER A 114 -2.10 -10.11 -15.34
N VAL A 115 -2.06 -10.65 -16.54
CA VAL A 115 -2.60 -12.01 -16.81
C VAL A 115 -1.56 -12.82 -17.56
N TYR A 116 -1.49 -14.11 -17.25
CA TYR A 116 -0.41 -14.97 -17.76
C TYR A 116 -0.96 -16.28 -18.40
N SER A 117 -2.24 -16.23 -18.75
CA SER A 117 -2.97 -17.37 -19.37
C SER A 117 -4.28 -16.90 -19.89
N LEU A 118 -4.85 -17.68 -20.81
CA LEU A 118 -6.20 -17.43 -21.27
C LEU A 118 -7.24 -17.40 -20.14
N GLU A 119 -7.20 -18.39 -19.24
CA GLU A 119 -8.13 -18.43 -18.12
C GLU A 119 -8.05 -17.15 -17.28
N GLU A 120 -6.82 -16.72 -17.00
CA GLU A 120 -6.59 -15.49 -16.23
C GLU A 120 -7.17 -14.28 -16.97
N ALA A 121 -6.95 -14.24 -18.27
CA ALA A 121 -7.51 -13.16 -19.13
C ALA A 121 -9.04 -13.07 -19.06
N LEU A 122 -9.70 -14.21 -19.21
CA LEU A 122 -11.15 -14.23 -19.20
C LEU A 122 -11.72 -13.88 -17.83
N GLU A 123 -11.06 -14.36 -16.78
CA GLU A 123 -11.47 -14.13 -15.40
C GLU A 123 -11.30 -12.68 -15.09
N ALA A 124 -10.17 -12.10 -15.45
CA ALA A 124 -9.98 -10.66 -15.21
C ALA A 124 -11.02 -9.80 -15.92
N GLU A 125 -11.29 -10.10 -17.18
CA GLU A 125 -12.34 -9.40 -17.89
C GLU A 125 -13.68 -9.57 -17.18
N LYS A 126 -13.99 -10.80 -16.76
CA LYS A 126 -15.27 -11.07 -16.10
C LYS A 126 -15.43 -10.22 -14.83
N LYS A 127 -14.33 -10.07 -14.08
CA LYS A 127 -14.32 -9.32 -12.82
C LYS A 127 -14.39 -7.81 -13.03
N GLY A 128 -14.23 -7.37 -14.28
CA GLY A 128 -14.38 -5.96 -14.67
C GLY A 128 -13.10 -5.17 -14.92
N ALA A 129 -11.98 -5.85 -15.21
CA ALA A 129 -10.78 -5.16 -15.61
C ALA A 129 -11.09 -4.28 -16.81
N ASP A 130 -10.45 -3.12 -16.86
CA ASP A 130 -10.58 -2.23 -18.01
C ASP A 130 -9.63 -2.55 -19.15
N TYR A 131 -8.44 -3.06 -18.83
CA TYR A 131 -7.53 -3.58 -19.83
C TYR A 131 -6.71 -4.67 -19.23
N LEU A 132 -6.03 -5.39 -20.11
CA LEU A 132 -5.16 -6.49 -19.71
C LEU A 132 -3.74 -6.17 -20.06
N GLY A 133 -2.84 -6.52 -19.15
CA GLY A 133 -1.42 -6.66 -19.45
C GLY A 133 -1.15 -8.16 -19.63
N ALA A 134 -1.05 -8.59 -20.89
CA ALA A 134 -0.90 -10.04 -21.21
C ALA A 134 0.54 -10.36 -21.50
N GLY A 135 1.13 -11.25 -20.70
CA GLY A 135 2.50 -11.63 -20.90
C GLY A 135 2.86 -12.86 -20.07
N SER A 136 4.14 -13.18 -19.95
CA SER A 136 5.23 -12.55 -20.64
C SER A 136 5.29 -13.08 -22.07
N VAL A 137 5.35 -12.19 -23.05
CA VAL A 137 5.39 -12.69 -24.44
C VAL A 137 6.67 -13.54 -24.66
N PHE A 138 7.79 -12.97 -24.23
CA PHE A 138 9.09 -13.60 -24.30
C PHE A 138 9.72 -13.61 -22.89
N PRO A 139 10.75 -14.43 -22.67
CA PRO A 139 11.39 -14.44 -21.34
C PRO A 139 11.92 -13.06 -20.90
N THR A 140 11.78 -12.75 -19.60
CA THR A 140 12.20 -11.45 -19.03
C THR A 140 13.02 -11.65 -17.76
N ASP A 145 6.92 -12.89 -11.29
CA ASP A 145 6.20 -13.95 -11.98
C ASP A 145 6.84 -14.19 -13.34
N ALA A 146 7.41 -15.40 -13.54
CA ALA A 146 8.23 -15.64 -14.74
C ALA A 146 7.50 -16.39 -15.88
N ARG A 147 6.17 -16.45 -15.82
CA ARG A 147 5.40 -17.21 -16.78
C ARG A 147 5.44 -16.56 -18.17
N VAL A 148 5.64 -17.38 -19.19
CA VAL A 148 5.79 -16.94 -20.58
C VAL A 148 4.63 -17.49 -21.40
N ILE A 149 3.98 -16.64 -22.19
CA ILE A 149 2.80 -17.06 -22.96
C ILE A 149 3.05 -17.19 -24.47
N GLY A 150 4.07 -16.52 -24.98
CA GLY A 150 4.40 -16.56 -26.41
C GLY A 150 3.43 -15.76 -27.29
N LEU A 151 3.82 -15.58 -28.56
CA LEU A 151 2.97 -14.92 -29.55
C LEU A 151 1.65 -15.62 -29.76
N GLU A 152 1.63 -16.96 -29.84
CA GLU A 152 0.37 -17.69 -29.99
C GLU A 152 -0.59 -17.51 -28.82
N GLY A 153 -0.05 -17.52 -27.60
CA GLY A 153 -0.87 -17.35 -26.42
C GLY A 153 -1.37 -15.92 -26.34
N LEU A 154 -0.51 -14.98 -26.67
CA LEU A 154 -0.95 -13.57 -26.78
C LEU A 154 -2.10 -13.43 -27.80
N ARG A 155 -1.93 -13.97 -29.02
CA ARG A 155 -3.01 -13.89 -30.03
C ARG A 155 -4.31 -14.49 -29.56
N LYS A 156 -4.23 -15.62 -28.86
CA LYS A 156 -5.43 -16.24 -28.39
C LYS A 156 -6.16 -15.37 -27.40
N ILE A 157 -5.42 -14.66 -26.55
CA ILE A 157 -6.04 -13.76 -25.60
C ILE A 157 -6.76 -12.63 -26.40
N VAL A 158 -6.05 -12.05 -27.36
CA VAL A 158 -6.58 -10.96 -28.19
C VAL A 158 -7.89 -11.40 -28.85
N GLU A 159 -7.92 -12.63 -29.36
CA GLU A 159 -9.12 -13.16 -30.01
C GLU A 159 -10.29 -13.41 -29.04
N SER A 160 -9.98 -13.62 -27.76
CA SER A 160 -10.94 -14.11 -26.80
C SER A 160 -11.56 -13.08 -25.90
N VAL A 161 -11.01 -11.87 -25.85
CA VAL A 161 -11.54 -10.82 -24.98
C VAL A 161 -11.92 -9.59 -25.78
N LYS A 162 -12.77 -8.76 -25.18
CA LYS A 162 -13.29 -7.56 -25.84
C LYS A 162 -12.67 -6.26 -25.32
N ILE A 163 -12.01 -6.33 -24.16
CA ILE A 163 -11.31 -5.18 -23.60
C ILE A 163 -9.90 -5.04 -24.19
N PRO A 164 -9.31 -3.82 -24.11
CA PRO A 164 -7.99 -3.64 -24.64
C PRO A 164 -6.94 -4.54 -24.02
N VAL A 165 -6.00 -4.94 -24.84
CA VAL A 165 -4.89 -5.81 -24.44
C VAL A 165 -3.56 -5.12 -24.77
N VAL A 166 -2.72 -4.97 -23.74
CA VAL A 166 -1.35 -4.50 -23.88
C VAL A 166 -0.42 -5.70 -23.70
N ALA A 167 0.41 -5.97 -24.69
CA ALA A 167 1.40 -7.06 -24.57
C ALA A 167 2.51 -6.62 -23.66
N ILE A 168 3.09 -7.56 -22.88
CA ILE A 168 4.21 -7.24 -22.05
C ILE A 168 5.18 -8.43 -21.97
N GLY A 169 6.45 -8.10 -21.84
CA GLY A 169 7.46 -9.07 -21.46
C GLY A 169 8.44 -9.38 -22.56
N GLY A 170 9.66 -8.89 -22.42
CA GLY A 170 10.71 -9.15 -23.39
C GLY A 170 10.57 -8.45 -24.72
N ILE A 171 9.79 -7.37 -24.73
CA ILE A 171 9.50 -6.65 -25.97
C ILE A 171 10.55 -5.59 -26.26
N ASN A 172 10.97 -5.54 -27.51
CA ASN A 172 11.91 -4.53 -27.94
C ASN A 172 11.74 -4.22 -29.42
N LYS A 173 12.59 -3.34 -29.96
CA LYS A 173 12.40 -2.85 -31.34
C LYS A 173 12.53 -3.95 -32.38
N ASP A 174 13.23 -5.03 -32.03
CA ASP A 174 13.42 -6.15 -32.93
C ASP A 174 12.24 -7.11 -33.03
N ASN A 175 11.42 -7.21 -31.97
CA ASN A 175 10.26 -8.11 -31.97
C ASN A 175 8.93 -7.37 -31.87
N ALA A 176 8.99 -6.05 -31.73
CA ALA A 176 7.78 -5.25 -31.57
C ALA A 176 6.76 -5.39 -32.70
N ARG A 177 7.19 -5.41 -33.98
CA ARG A 177 6.20 -5.61 -35.07
C ARG A 177 5.47 -6.93 -34.97
N GLU A 178 6.18 -8.03 -34.72
CA GLU A 178 5.54 -9.31 -34.64
C GLU A 178 4.55 -9.30 -33.47
N VAL A 179 4.93 -8.67 -32.37
CA VAL A 179 4.01 -8.57 -31.22
C VAL A 179 2.74 -7.78 -31.61
N LEU A 180 2.95 -6.63 -32.23
CA LEU A 180 1.85 -5.76 -32.63
C LEU A 180 0.88 -6.43 -33.64
N LYS A 181 1.43 -7.31 -34.49
CA LYS A 181 0.60 -8.03 -35.45
C LYS A 181 -0.30 -9.10 -34.82
N THR A 182 -0.17 -9.36 -33.50
CA THR A 182 -1.14 -10.26 -32.86
C THR A 182 -2.49 -9.59 -32.65
N GLY A 183 -2.56 -8.26 -32.82
CA GLY A 183 -3.80 -7.56 -32.68
C GLY A 183 -3.99 -6.81 -31.37
N VAL A 184 -2.93 -6.77 -30.58
CA VAL A 184 -2.92 -5.99 -29.35
C VAL A 184 -3.12 -4.49 -29.62
N ASP A 185 -3.59 -3.80 -28.60
CA ASP A 185 -3.78 -2.35 -28.66
C ASP A 185 -2.51 -1.56 -28.33
N GLY A 186 -1.50 -2.23 -27.77
CA GLY A 186 -0.30 -1.58 -27.36
C GLY A 186 0.74 -2.54 -26.88
N ILE A 187 1.94 -1.99 -26.66
CA ILE A 187 3.04 -2.73 -26.07
C ILE A 187 3.56 -2.02 -24.83
N ALA A 188 3.87 -2.83 -23.81
CA ALA A 188 4.44 -2.36 -22.58
C ALA A 188 5.91 -2.77 -22.55
N VAL A 189 6.76 -1.81 -22.22
CA VAL A 189 8.19 -2.02 -22.17
C VAL A 189 8.79 -1.52 -20.86
N ILE A 190 9.84 -2.22 -20.41
CA ILE A 190 10.66 -1.76 -19.29
C ILE A 190 12.09 -1.65 -19.82
N SER A 191 12.75 -2.79 -20.00
CA SER A 191 14.19 -2.81 -20.32
C SER A 191 14.54 -2.12 -21.62
N ALA A 192 13.70 -2.30 -22.63
CA ALA A 192 13.93 -1.66 -23.94
C ALA A 192 14.12 -0.14 -23.86
N VAL A 193 13.46 0.50 -22.89
CA VAL A 193 13.53 1.94 -22.75
C VAL A 193 14.42 2.33 -21.57
N MET A 194 14.13 1.73 -20.42
CA MET A 194 14.82 2.09 -19.19
C MET A 194 16.28 1.61 -19.14
N GLY A 195 16.56 0.55 -19.91
CA GLY A 195 17.89 0.00 -20.03
C GLY A 195 18.67 0.58 -21.19
N ALA A 196 18.04 1.48 -21.95
CA ALA A 196 18.68 2.12 -23.10
C ALA A 196 19.62 3.21 -22.64
N GLU A 197 20.68 3.45 -23.42
CA GLU A 197 21.57 4.56 -23.13
C GLU A 197 20.81 5.89 -23.25
N ASP A 198 20.04 6.05 -24.32
CA ASP A 198 19.22 7.25 -24.54
C ASP A 198 17.74 6.84 -24.48
N VAL A 199 17.12 7.15 -23.34
CA VAL A 199 15.73 6.74 -23.08
C VAL A 199 14.76 7.34 -24.08
N ARG A 200 14.94 8.63 -24.40
CA ARG A 200 14.03 9.31 -25.31
C ARG A 200 14.08 8.67 -26.69
N LYS A 201 15.30 8.42 -27.17
CA LYS A 201 15.47 7.86 -28.51
C LYS A 201 14.88 6.47 -28.61
N ALA A 202 15.05 5.67 -27.56
CA ALA A 202 14.53 4.31 -27.55
C ALA A 202 13.02 4.34 -27.61
N THR A 203 12.42 5.28 -26.89
CA THR A 203 10.96 5.44 -26.86
C THR A 203 10.45 5.95 -28.22
N GLU A 204 11.14 6.92 -28.81
CA GLU A 204 10.80 7.41 -30.15
C GLU A 204 10.74 6.30 -31.18
N GLU A 205 11.74 5.42 -31.14
CA GLU A 205 11.83 4.29 -32.07
C GLU A 205 10.63 3.36 -31.92
N LEU A 206 10.30 3.05 -30.68
CA LEU A 206 9.17 2.18 -30.43
C LEU A 206 7.89 2.83 -30.82
N ARG A 207 7.75 4.13 -30.54
CA ARG A 207 6.52 4.82 -30.84
C ARG A 207 6.25 4.81 -32.34
N LYS A 208 7.31 5.00 -33.10
CA LYS A 208 7.23 4.99 -34.56
C LYS A 208 6.74 3.63 -35.04
N ILE A 209 7.36 2.56 -34.50
CA ILE A 209 6.97 1.19 -34.84
C ILE A 209 5.50 0.98 -34.53
N VAL A 210 5.07 1.37 -33.33
CA VAL A 210 3.67 1.32 -33.00
C VAL A 210 2.77 2.05 -34.01
N GLU A 211 3.15 3.27 -34.38
CA GLU A 211 2.29 4.07 -35.27
C GLU A 211 2.21 3.41 -36.66
N GLU A 212 3.36 2.96 -37.10
CA GLU A 212 3.48 2.26 -38.40
C GLU A 212 2.73 0.93 -38.51
N VAL A 213 2.64 0.14 -37.44
CA VAL A 213 1.89 -1.09 -37.53
C VAL A 213 0.43 -0.84 -37.29
N LEU A 214 0.10 -0.10 -36.21
CA LEU A 214 -1.29 0.10 -35.85
C LEU A 214 -2.01 1.09 -36.75
N GLY A 215 -1.28 2.04 -37.32
CA GLY A 215 -1.86 3.07 -38.15
C GLY A 215 -2.69 4.08 -37.34
N ASN B 10 -16.03 5.36 23.84
CA ASN B 10 -15.78 5.41 22.35
C ASN B 10 -14.31 5.13 22.02
N LEU B 11 -13.73 5.88 21.08
CA LEU B 11 -12.32 5.72 20.73
C LEU B 11 -11.42 5.80 21.94
N ARG B 12 -11.59 6.85 22.73
CA ARG B 12 -10.68 7.07 23.84
C ARG B 12 -10.63 5.83 24.79
N ASN B 13 -11.79 5.31 25.13
CA ASN B 13 -11.87 4.10 25.97
C ASN B 13 -11.31 2.83 25.29
N LYS B 14 -11.62 2.65 24.01
CA LYS B 14 -11.21 1.43 23.30
C LYS B 14 -9.71 1.42 22.96
N LEU B 15 -9.02 2.56 23.14
CA LEU B 15 -7.55 2.61 22.98
C LEU B 15 -6.76 2.15 24.18
N LYS B 16 -7.42 1.73 25.25
CA LYS B 16 -6.72 1.45 26.50
C LYS B 16 -5.62 0.40 26.46
N LEU B 17 -5.91 -0.74 25.86
CA LEU B 17 -4.91 -1.78 25.68
C LEU B 17 -4.83 -2.13 24.21
N TYR B 18 -3.73 -1.67 23.62
CA TYR B 18 -3.56 -1.61 22.20
C TYR B 18 -2.42 -2.57 21.83
N VAL B 19 -2.77 -3.65 21.13
CA VAL B 19 -1.85 -4.73 20.86
C VAL B 19 -1.56 -4.77 19.35
N ILE B 20 -0.27 -4.74 19.03
CA ILE B 20 0.23 -4.71 17.65
C ILE B 20 0.82 -6.07 17.30
N THR B 21 0.53 -6.56 16.10
CA THR B 21 1.05 -7.88 15.66
C THR B 21 2.55 -7.83 15.37
N ASP B 22 3.20 -9.00 15.44
CA ASP B 22 4.55 -9.15 14.96
C ASP B 22 4.77 -10.60 14.59
N ARG B 23 4.68 -10.86 13.31
CA ARG B 23 4.84 -12.21 12.78
C ARG B 23 6.27 -12.76 13.01
N ARG B 24 7.22 -11.90 13.35
CA ARG B 24 8.56 -12.41 13.75
C ARG B 24 8.42 -13.20 15.04
N LEU B 25 7.37 -12.89 15.81
CA LEU B 25 7.19 -13.50 17.10
C LEU B 25 6.09 -14.56 17.17
N LYS B 26 4.95 -14.30 16.52
CA LYS B 26 3.83 -15.23 16.51
C LYS B 26 2.97 -14.93 15.30
N PRO B 27 2.38 -15.98 14.70
CA PRO B 27 1.47 -15.73 13.59
C PRO B 27 0.33 -14.81 13.97
N GLU B 28 -0.11 -13.96 13.05
CA GLU B 28 -1.09 -12.91 13.41
C GLU B 28 -2.42 -13.40 13.90
N VAL B 29 -3.04 -14.34 13.18
CA VAL B 29 -4.39 -14.75 13.55
C VAL B 29 -4.43 -15.40 14.94
N GLU B 30 -3.57 -16.38 15.17
CA GLU B 30 -3.57 -17.02 16.51
C GLU B 30 -3.25 -16.04 17.64
N SER B 31 -2.24 -15.20 17.44
CA SER B 31 -1.82 -14.27 18.47
C SER B 31 -2.88 -13.21 18.77
N VAL B 32 -3.57 -12.74 17.71
CA VAL B 32 -4.65 -11.78 17.91
C VAL B 32 -5.83 -12.43 18.65
N ARG B 33 -6.13 -13.68 18.32
CA ARG B 33 -7.20 -14.37 19.01
C ARG B 33 -6.87 -14.41 20.51
N GLU B 34 -5.66 -14.79 20.85
CA GLU B 34 -5.25 -14.90 22.25
C GLU B 34 -5.27 -13.54 22.95
N ALA B 35 -4.76 -12.50 22.28
CA ALA B 35 -4.78 -11.15 22.84
C ALA B 35 -6.20 -10.66 23.11
N LEU B 36 -7.10 -10.92 22.20
CA LEU B 36 -8.51 -10.56 22.35
C LEU B 36 -9.16 -11.36 23.50
N GLU B 37 -8.85 -12.67 23.56
CA GLU B 37 -9.29 -13.52 24.71
C GLU B 37 -8.87 -12.88 26.04
N GLY B 38 -7.69 -12.31 26.03
CA GLY B 38 -7.09 -11.71 27.19
C GLY B 38 -7.46 -10.29 27.54
N GLY B 39 -8.25 -9.63 26.70
CA GLY B 39 -8.71 -8.29 26.99
C GLY B 39 -8.13 -7.14 26.20
N ALA B 40 -7.39 -7.42 25.12
CA ALA B 40 -7.02 -6.32 24.23
C ALA B 40 -8.27 -5.58 23.76
N THR B 41 -8.20 -4.25 23.74
CA THR B 41 -9.33 -3.45 23.32
C THR B 41 -9.15 -2.90 21.87
N ALA B 42 -7.90 -2.92 21.38
CA ALA B 42 -7.57 -2.45 20.02
C ALA B 42 -6.44 -3.35 19.51
N ILE B 43 -6.52 -3.72 18.24
CA ILE B 43 -5.52 -4.51 17.57
C ILE B 43 -5.02 -3.72 16.37
N GLN B 44 -3.71 -3.68 16.19
CA GLN B 44 -3.12 -3.17 14.94
C GLN B 44 -2.36 -4.27 14.17
N MET B 45 -2.76 -4.45 12.92
CA MET B 45 -2.06 -5.37 12.01
C MET B 45 -0.86 -4.64 11.43
N ARG B 46 0.33 -5.16 11.67
CA ARG B 46 1.55 -4.52 11.23
C ARG B 46 2.39 -5.57 10.51
N ILE B 47 2.37 -5.53 9.18
CA ILE B 47 3.06 -6.56 8.38
C ILE B 47 4.07 -5.79 7.51
N LYS B 48 5.34 -6.10 7.71
CA LYS B 48 6.46 -5.31 7.12
C LYS B 48 6.57 -5.52 5.62
N ASN B 49 6.57 -6.77 5.18
CA ASN B 49 6.91 -7.12 3.80
C ASN B 49 6.17 -8.36 3.36
N ALA B 50 4.97 -8.18 2.82
CA ALA B 50 4.17 -9.31 2.35
C ALA B 50 3.37 -8.76 1.18
N PRO B 51 2.96 -9.64 0.26
CA PRO B 51 2.14 -9.17 -0.86
C PRO B 51 0.84 -8.56 -0.38
N THR B 52 0.35 -7.60 -1.14
CA THR B 52 -0.93 -6.99 -0.80
C THR B 52 -2.07 -8.02 -0.62
N ARG B 53 -2.13 -9.06 -1.46
CA ARG B 53 -3.20 -10.05 -1.36
C ARG B 53 -3.18 -10.70 0.03
N GLU B 54 -1.99 -10.98 0.50
CA GLU B 54 -1.83 -11.64 1.81
C GLU B 54 -2.25 -10.71 2.94
N MET B 55 -1.85 -9.44 2.86
CA MET B 55 -2.26 -8.47 3.86
C MET B 55 -3.79 -8.37 3.91
N TYR B 56 -4.40 -8.39 2.73
CA TYR B 56 -5.87 -8.33 2.61
C TYR B 56 -6.53 -9.54 3.28
N GLU B 57 -6.04 -10.72 2.96
CA GLU B 57 -6.64 -11.97 3.53
C GLU B 57 -6.50 -12.05 5.04
N ILE B 58 -5.30 -11.75 5.55
CA ILE B 58 -5.12 -11.74 7.01
C ILE B 58 -5.99 -10.65 7.62
N GLY B 59 -5.98 -9.45 6.99
CA GLY B 59 -6.79 -8.31 7.47
C GLY B 59 -8.28 -8.66 7.58
N LYS B 60 -8.81 -9.41 6.62
CA LYS B 60 -10.21 -9.82 6.68
C LYS B 60 -10.46 -10.66 7.89
N THR B 61 -9.53 -11.57 8.17
CA THR B 61 -9.68 -12.45 9.32
C THR B 61 -9.60 -11.69 10.64
N LEU B 62 -8.65 -10.75 10.73
CA LEU B 62 -8.51 -9.94 11.91
C LEU B 62 -9.70 -9.02 12.10
N ARG B 63 -10.29 -8.58 11.01
CA ARG B 63 -11.45 -7.70 11.09
C ARG B 63 -12.59 -8.49 11.71
N GLN B 64 -12.74 -9.75 11.32
CA GLN B 64 -13.78 -10.62 11.90
C GLN B 64 -13.55 -10.88 13.39
N LEU B 65 -12.32 -11.20 13.75
CA LEU B 65 -12.01 -11.51 15.16
C LEU B 65 -12.24 -10.28 16.01
N THR B 66 -11.72 -9.11 15.59
CA THR B 66 -11.93 -7.93 16.38
C THR B 66 -13.43 -7.65 16.55
N ARG B 67 -14.22 -7.80 15.49
CA ARG B 67 -15.67 -7.62 15.59
C ARG B 67 -16.31 -8.56 16.61
N GLU B 68 -15.85 -9.80 16.62
CA GLU B 68 -16.35 -10.82 17.56
C GLU B 68 -16.12 -10.39 19.03
N TYR B 69 -15.06 -9.64 19.27
CA TYR B 69 -14.72 -9.14 20.60
C TYR B 69 -14.99 -7.65 20.82
N ASP B 70 -15.69 -7.03 19.89
CA ASP B 70 -16.03 -5.60 19.98
C ASP B 70 -14.81 -4.72 20.16
N ALA B 71 -13.71 -5.10 19.47
CA ALA B 71 -12.43 -4.39 19.54
C ALA B 71 -12.21 -3.56 18.28
N LEU B 72 -11.47 -2.47 18.42
CA LEU B 72 -11.09 -1.65 17.28
C LEU B 72 -9.97 -2.37 16.51
N PHE B 73 -9.92 -2.10 15.22
CA PHE B 73 -8.92 -2.72 14.33
C PHE B 73 -8.28 -1.64 13.48
N PHE B 74 -6.95 -1.58 13.58
CA PHE B 74 -6.13 -0.62 12.84
C PHE B 74 -5.13 -1.36 11.99
N VAL B 75 -4.78 -0.74 10.87
CA VAL B 75 -3.69 -1.27 10.02
C VAL B 75 -2.53 -0.26 10.06
N ASP B 76 -1.30 -0.74 10.29
CA ASP B 76 -0.14 0.14 10.17
C ASP B 76 0.11 0.50 8.72
N ASP B 77 0.29 1.81 8.46
CA ASP B 77 0.76 2.34 7.17
C ASP B 77 -0.33 2.27 6.10
N ARG B 78 -0.78 1.06 5.78
CA ARG B 78 -1.43 0.78 4.50
C ARG B 78 -2.92 1.15 4.46
N VAL B 79 -3.19 2.31 3.91
CA VAL B 79 -4.58 2.80 3.80
C VAL B 79 -5.45 1.95 2.87
N ASP B 80 -4.85 1.44 1.79
CA ASP B 80 -5.54 0.53 0.87
C ASP B 80 -6.05 -0.68 1.63
N VAL B 81 -5.18 -1.23 2.44
CA VAL B 81 -5.53 -2.46 3.16
C VAL B 81 -6.61 -2.15 4.18
N ALA B 82 -6.45 -1.07 4.92
CA ALA B 82 -7.47 -0.63 5.88
C ALA B 82 -8.82 -0.46 5.20
N LEU B 83 -8.84 0.23 4.06
CA LEU B 83 -10.09 0.40 3.35
C LEU B 83 -10.69 -0.94 2.90
N ALA B 84 -9.86 -1.79 2.32
CA ALA B 84 -10.29 -3.06 1.71
C ALA B 84 -10.92 -3.98 2.77
N VAL B 85 -10.39 -3.93 3.98
CA VAL B 85 -10.85 -4.85 5.07
C VAL B 85 -11.82 -4.24 6.04
N ASP B 86 -12.27 -3.01 5.76
CA ASP B 86 -13.14 -2.25 6.63
C ASP B 86 -12.61 -2.06 8.03
N ALA B 87 -11.31 -1.80 8.14
CA ALA B 87 -10.71 -1.53 9.41
C ALA B 87 -11.24 -0.24 9.97
N ASP B 88 -11.18 -0.09 11.28
CA ASP B 88 -11.58 1.16 11.92
C ASP B 88 -10.66 2.33 11.57
N GLY B 89 -9.38 2.04 11.31
CA GLY B 89 -8.42 3.09 11.13
C GLY B 89 -7.08 2.63 10.63
N VAL B 90 -6.17 3.61 10.55
CA VAL B 90 -4.82 3.41 10.07
C VAL B 90 -3.90 4.21 10.96
N GLN B 91 -2.71 3.66 11.20
CA GLN B 91 -1.66 4.31 11.92
C GLN B 91 -0.61 4.81 10.92
N LEU B 92 -0.25 6.10 11.04
CA LEU B 92 0.66 6.69 10.12
C LEU B 92 1.83 7.36 10.82
N GLY B 93 3.03 7.06 10.32
CA GLY B 93 4.28 7.62 10.81
C GLY B 93 4.99 8.45 9.75
N PRO B 94 6.20 8.95 10.08
CA PRO B 94 6.96 9.84 9.20
C PRO B 94 7.25 9.27 7.79
N GLU B 95 7.26 7.95 7.66
CA GLU B 95 7.57 7.33 6.35
C GLU B 95 6.34 6.91 5.58
N ASP B 96 5.18 7.30 6.08
CA ASP B 96 3.89 6.89 5.53
C ASP B 96 3.21 8.01 4.77
N MET B 97 2.02 7.71 4.29
CA MET B 97 1.19 8.73 3.66
C MET B 97 0.98 9.89 4.59
N PRO B 98 1.14 11.12 4.08
CA PRO B 98 0.84 12.26 4.95
C PRO B 98 -0.59 12.22 5.50
N ILE B 99 -0.77 12.70 6.73
CA ILE B 99 -2.06 12.68 7.37
C ILE B 99 -3.15 13.31 6.51
N GLU B 100 -2.88 14.52 5.99
CA GLU B 100 -3.89 15.25 5.24
C GLU B 100 -4.33 14.50 4.00
N VAL B 101 -3.39 13.78 3.38
CA VAL B 101 -3.68 13.01 2.16
C VAL B 101 -4.50 11.73 2.52
N ALA B 102 -4.12 11.04 3.59
CA ALA B 102 -4.92 9.84 4.01
C ALA B 102 -6.37 10.23 4.31
N LYS B 103 -6.53 11.38 4.97
CA LYS B 103 -7.84 11.90 5.30
C LYS B 103 -8.67 12.18 4.05
N GLU B 104 -8.03 12.70 3.02
CA GLU B 104 -8.71 12.96 1.77
C GLU B 104 -9.18 11.67 1.10
N ILE B 105 -8.30 10.67 1.00
CA ILE B 105 -8.68 9.48 0.29
C ILE B 105 -9.47 8.47 1.13
N ALA B 106 -9.45 8.64 2.45
CA ALA B 106 -10.12 7.71 3.36
C ALA B 106 -10.80 8.45 4.51
N PRO B 107 -11.84 9.23 4.17
CA PRO B 107 -12.43 10.17 5.12
C PRO B 107 -13.12 9.56 6.31
N ASN B 108 -13.47 8.28 6.23
CA ASN B 108 -14.11 7.60 7.37
C ASN B 108 -13.16 6.77 8.26
N LEU B 109 -11.87 6.67 7.92
CA LEU B 109 -10.91 5.99 8.78
C LEU B 109 -10.51 6.85 9.95
N ILE B 110 -10.34 6.21 11.10
CA ILE B 110 -9.73 6.85 12.24
C ILE B 110 -8.23 6.91 11.97
N ILE B 111 -7.64 8.08 12.15
CA ILE B 111 -6.22 8.26 11.87
C ILE B 111 -5.45 8.34 13.16
N GLY B 112 -4.56 7.37 13.35
CA GLY B 112 -3.57 7.43 14.43
C GLY B 112 -2.26 7.94 13.88
N ALA B 113 -1.56 8.81 14.63
CA ALA B 113 -0.28 9.35 14.20
C ALA B 113 0.83 8.96 15.14
N SER B 114 1.87 8.35 14.62
CA SER B 114 3.05 8.04 15.40
C SER B 114 3.91 9.29 15.51
N VAL B 115 4.20 9.70 16.74
CA VAL B 115 4.91 10.96 17.01
C VAL B 115 6.01 10.73 18.04
N TYR B 116 7.11 11.47 17.93
CA TYR B 116 8.30 11.18 18.68
C TYR B 116 8.85 12.43 19.39
N SER B 117 8.01 13.44 19.50
CA SER B 117 8.35 14.75 20.09
C SER B 117 7.08 15.55 20.37
N LEU B 118 7.17 16.54 21.26
CA LEU B 118 6.04 17.43 21.49
C LEU B 118 5.64 18.18 20.21
N GLU B 119 6.63 18.64 19.45
CA GLU B 119 6.33 19.37 18.19
C GLU B 119 5.51 18.50 17.25
N GLU B 120 5.93 17.24 17.09
CA GLU B 120 5.25 16.27 16.23
C GLU B 120 3.85 15.96 16.71
N ALA B 121 3.69 15.78 18.02
CA ALA B 121 2.36 15.65 18.63
C ALA B 121 1.42 16.77 18.27
N LEU B 122 1.81 18.01 18.53
CA LEU B 122 0.93 19.12 18.27
C LEU B 122 0.65 19.29 16.77
N GLU B 123 1.64 19.01 15.93
CA GLU B 123 1.47 19.08 14.47
C GLU B 123 0.49 18.04 13.98
N ALA B 124 0.66 16.79 14.45
CA ALA B 124 -0.27 15.73 14.06
C ALA B 124 -1.70 16.07 14.44
N GLU B 125 -1.90 16.62 15.64
CA GLU B 125 -3.21 17.04 16.10
C GLU B 125 -3.78 18.13 15.19
N LYS B 126 -2.92 19.08 14.81
CA LYS B 126 -3.38 20.20 13.96
C LYS B 126 -3.80 19.69 12.59
N LYS B 127 -3.09 18.68 12.08
CA LYS B 127 -3.41 18.10 10.77
C LYS B 127 -4.64 17.19 10.75
N GLY B 128 -5.16 16.87 11.95
CA GLY B 128 -6.44 16.18 12.10
C GLY B 128 -6.35 14.73 12.55
N ALA B 129 -5.21 14.33 13.11
CA ALA B 129 -5.08 12.97 13.68
C ALA B 129 -6.17 12.81 14.71
N ASP B 130 -6.73 11.61 14.79
CA ASP B 130 -7.74 11.27 15.80
C ASP B 130 -7.11 10.81 17.13
N TYR B 131 -5.96 10.17 17.08
CA TYR B 131 -5.20 9.85 18.31
C TYR B 131 -3.73 9.78 17.99
N LEU B 132 -2.91 9.86 19.03
CA LEU B 132 -1.46 9.79 18.89
C LEU B 132 -0.89 8.50 19.47
N GLY B 133 0.10 7.96 18.77
CA GLY B 133 0.99 6.98 19.33
C GLY B 133 2.27 7.67 19.67
N ALA B 134 2.46 7.89 20.97
CA ALA B 134 3.57 8.70 21.47
C ALA B 134 4.67 7.84 22.05
N GLY B 135 5.86 7.92 21.46
CA GLY B 135 6.98 7.12 21.87
C GLY B 135 8.31 7.62 21.34
N SER B 136 9.38 6.84 21.50
CA SER B 136 9.36 5.59 22.26
C SER B 136 9.53 5.97 23.71
N VAL B 137 8.68 5.44 24.58
CA VAL B 137 8.79 5.78 26.02
C VAL B 137 10.12 5.28 26.57
N PHE B 138 10.49 4.05 26.20
CA PHE B 138 11.73 3.41 26.61
C PHE B 138 12.43 2.88 25.35
N PRO B 139 13.77 2.62 25.42
CA PRO B 139 14.47 2.13 24.23
C PRO B 139 13.86 0.85 23.62
N THR B 140 13.92 0.71 22.30
CA THR B 140 13.17 -0.33 21.58
C THR B 140 14.05 -1.09 20.58
N ASP B 145 12.33 5.11 14.05
CA ASP B 145 12.98 6.26 14.67
C ASP B 145 13.57 5.90 16.01
N ALA B 146 14.81 6.33 16.24
CA ALA B 146 15.51 6.01 17.49
C ALA B 146 15.12 6.92 18.66
N ARG B 147 14.28 7.93 18.43
CA ARG B 147 13.92 8.90 19.48
C ARG B 147 13.17 8.30 20.67
N VAL B 148 13.71 8.54 21.86
CA VAL B 148 13.13 8.07 23.10
C VAL B 148 12.68 9.26 23.91
N ILE B 149 11.39 9.32 24.17
CA ILE B 149 10.81 10.48 24.83
C ILE B 149 10.80 10.39 26.35
N GLY B 150 10.79 9.17 26.88
CA GLY B 150 10.71 8.92 28.31
C GLY B 150 9.36 9.25 28.92
N LEU B 151 9.25 8.99 30.22
CA LEU B 151 8.04 9.32 30.95
C LEU B 151 7.79 10.84 30.98
N GLU B 152 8.87 11.62 31.02
CA GLU B 152 8.79 13.06 31.07
C GLU B 152 8.21 13.60 29.79
N GLY B 153 8.80 13.21 28.65
CA GLY B 153 8.29 13.61 27.35
C GLY B 153 6.87 13.13 27.09
N LEU B 154 6.56 11.90 27.47
CA LEU B 154 5.21 11.40 27.33
C LEU B 154 4.22 12.27 28.10
N ARG B 155 4.57 12.58 29.34
CA ARG B 155 3.71 13.43 30.17
C ARG B 155 3.47 14.82 29.56
N LYS B 156 4.50 15.41 28.96
CA LYS B 156 4.36 16.73 28.31
C LYS B 156 3.43 16.72 27.11
N ILE B 157 3.49 15.66 26.31
CA ILE B 157 2.53 15.48 25.22
C ILE B 157 1.13 15.37 25.74
N VAL B 158 0.92 14.55 26.76
CA VAL B 158 -0.39 14.38 27.34
C VAL B 158 -0.95 15.72 27.80
N GLU B 159 -0.09 16.50 28.46
CA GLU B 159 -0.51 17.79 29.02
C GLU B 159 -0.90 18.79 27.91
N SER B 160 -0.28 18.66 26.74
CA SER B 160 -0.43 19.65 25.66
C SER B 160 -1.53 19.38 24.63
N VAL B 161 -1.85 18.10 24.38
CA VAL B 161 -2.85 17.78 23.38
C VAL B 161 -4.19 17.42 24.00
N LYS B 162 -5.24 17.49 23.21
CA LYS B 162 -6.59 17.20 23.63
C LYS B 162 -7.15 15.89 23.04
N ILE B 163 -6.51 15.37 22.00
CA ILE B 163 -6.88 14.08 21.43
C ILE B 163 -6.25 12.96 22.23
N PRO B 164 -6.83 11.75 22.13
CA PRO B 164 -6.26 10.67 22.93
C PRO B 164 -4.82 10.32 22.60
N VAL B 165 -4.11 9.84 23.61
CA VAL B 165 -2.70 9.53 23.51
C VAL B 165 -2.47 8.10 24.00
N VAL B 166 -1.89 7.30 23.12
CA VAL B 166 -1.47 5.97 23.45
C VAL B 166 0.04 5.92 23.56
N ALA B 167 0.56 5.51 24.70
CA ALA B 167 2.02 5.40 24.86
C ALA B 167 2.54 4.18 24.11
N ILE B 168 3.75 4.27 23.56
CA ILE B 168 4.39 3.10 22.94
C ILE B 168 5.90 3.11 23.09
N GLY B 169 6.49 1.92 23.18
CA GLY B 169 7.93 1.74 23.12
C GLY B 169 8.49 1.12 24.36
N GLY B 170 8.76 -0.18 24.30
CA GLY B 170 9.37 -0.90 25.40
C GLY B 170 8.50 -1.11 26.64
N ILE B 171 7.18 -1.02 26.47
CA ILE B 171 6.21 -1.11 27.56
C ILE B 171 5.90 -2.58 27.88
N ASN B 172 5.90 -2.91 29.16
CA ASN B 172 5.65 -4.25 29.61
C ASN B 172 5.06 -4.17 31.04
N LYS B 173 4.80 -5.32 31.64
CA LYS B 173 4.07 -5.32 32.91
C LYS B 173 4.88 -4.70 34.05
N ASP B 174 6.20 -4.69 33.91
CA ASP B 174 7.05 -4.12 34.94
C ASP B 174 7.07 -2.59 34.93
N ASN B 175 6.80 -1.97 33.78
CA ASN B 175 6.71 -0.48 33.70
C ASN B 175 5.34 0.14 33.34
N ALA B 176 4.32 -0.68 33.08
CA ALA B 176 3.06 -0.17 32.59
C ALA B 176 2.38 0.83 33.52
N ARG B 177 2.46 0.57 34.83
CA ARG B 177 1.86 1.44 35.80
C ARG B 177 2.49 2.84 35.73
N GLU B 178 3.82 2.92 35.72
CA GLU B 178 4.46 4.25 35.65
C GLU B 178 4.10 4.98 34.35
N VAL B 179 4.03 4.24 33.25
CA VAL B 179 3.55 4.83 32.01
C VAL B 179 2.11 5.35 32.13
N LEU B 180 1.19 4.54 32.68
CA LEU B 180 -0.20 4.92 32.74
C LEU B 180 -0.41 6.16 33.69
N LYS B 181 0.46 6.26 34.69
CA LYS B 181 0.38 7.40 35.63
C LYS B 181 0.60 8.74 34.93
N THR B 182 1.28 8.74 33.78
CA THR B 182 1.48 10.01 33.03
C THR B 182 0.20 10.67 32.47
N GLY B 183 -0.94 9.98 32.49
CA GLY B 183 -2.19 10.48 31.99
C GLY B 183 -2.60 10.03 30.60
N VAL B 184 -1.79 9.16 30.00
CA VAL B 184 -2.18 8.58 28.69
C VAL B 184 -3.51 7.86 28.81
N ASP B 185 -4.16 7.66 27.65
CA ASP B 185 -5.43 7.00 27.55
C ASP B 185 -5.27 5.49 27.32
N GLY B 186 -4.06 5.10 26.95
CA GLY B 186 -3.77 3.71 26.61
C GLY B 186 -2.30 3.40 26.53
N ILE B 187 -1.96 2.11 26.56
CA ILE B 187 -0.62 1.61 26.26
C ILE B 187 -0.66 0.70 25.03
N ALA B 188 0.31 0.87 24.16
CA ALA B 188 0.52 -0.05 23.06
C ALA B 188 1.70 -0.93 23.33
N VAL B 189 1.54 -2.23 23.04
CA VAL B 189 2.54 -3.21 23.31
C VAL B 189 2.71 -4.11 22.09
N ILE B 190 3.92 -4.57 21.90
CA ILE B 190 4.25 -5.53 20.85
C ILE B 190 4.87 -6.73 21.56
N SER B 191 6.15 -6.62 21.90
CA SER B 191 6.91 -7.76 22.46
C SER B 191 6.33 -8.34 23.75
N ALA B 192 5.83 -7.47 24.62
CA ALA B 192 5.33 -7.87 25.93
C ALA B 192 4.21 -8.91 25.82
N VAL B 193 3.45 -8.83 24.73
CA VAL B 193 2.35 -9.75 24.49
C VAL B 193 2.74 -10.77 23.43
N MET B 194 3.20 -10.29 22.26
CA MET B 194 3.45 -11.18 21.14
C MET B 194 4.62 -12.15 21.38
N GLY B 195 5.55 -11.74 22.22
CA GLY B 195 6.75 -12.55 22.49
C GLY B 195 6.60 -13.41 23.75
N ALA B 196 5.41 -13.36 24.37
CA ALA B 196 5.18 -14.09 25.60
C ALA B 196 4.98 -15.56 25.35
N GLU B 197 5.32 -16.40 26.32
CA GLU B 197 5.05 -17.81 26.19
C GLU B 197 3.54 -18.08 26.16
N ASP B 198 2.78 -17.26 26.88
CA ASP B 198 1.35 -17.38 27.01
C ASP B 198 0.77 -15.98 26.68
N VAL B 199 0.41 -15.80 25.42
CA VAL B 199 -0.08 -14.51 24.94
C VAL B 199 -1.29 -14.02 25.69
N ARG B 200 -2.28 -14.87 25.88
CA ARG B 200 -3.48 -14.46 26.59
C ARG B 200 -3.14 -14.03 28.01
N LYS B 201 -2.32 -14.80 28.72
CA LYS B 201 -2.02 -14.46 30.12
C LYS B 201 -1.25 -13.10 30.18
N ALA B 202 -0.32 -12.90 29.27
CA ALA B 202 0.41 -11.64 29.18
C ALA B 202 -0.53 -10.48 28.98
N THR B 203 -1.52 -10.66 28.10
CA THR B 203 -2.51 -9.61 27.88
C THR B 203 -3.36 -9.36 29.13
N GLU B 204 -3.82 -10.44 29.79
CA GLU B 204 -4.62 -10.31 31.01
C GLU B 204 -3.88 -9.50 32.06
N GLU B 205 -2.57 -9.76 32.19
CA GLU B 205 -1.75 -9.07 33.21
C GLU B 205 -1.73 -7.58 32.94
N LEU B 206 -1.58 -7.23 31.66
CA LEU B 206 -1.54 -5.81 31.28
C LEU B 206 -2.90 -5.14 31.40
N ARG B 207 -3.95 -5.84 31.03
CA ARG B 207 -5.29 -5.27 31.11
C ARG B 207 -5.66 -4.97 32.57
N LYS B 208 -5.21 -5.81 33.50
CA LYS B 208 -5.49 -5.61 34.93
C LYS B 208 -4.86 -4.29 35.39
N ILE B 209 -3.60 -4.09 35.01
CA ILE B 209 -2.88 -2.86 35.33
C ILE B 209 -3.58 -1.66 34.71
N VAL B 210 -3.95 -1.76 33.42
CA VAL B 210 -4.70 -0.67 32.79
C VAL B 210 -5.99 -0.33 33.59
N GLU B 211 -6.76 -1.36 33.93
CA GLU B 211 -7.99 -1.15 34.69
C GLU B 211 -7.71 -0.53 36.04
N GLU B 212 -6.62 -0.95 36.66
CA GLU B 212 -6.22 -0.44 37.99
C GLU B 212 -5.87 1.03 37.93
N VAL B 213 -5.03 1.40 36.99
CA VAL B 213 -4.60 2.80 36.91
C VAL B 213 -5.69 3.73 36.29
N LEU B 214 -6.38 3.30 35.23
CA LEU B 214 -7.29 4.19 34.52
C LEU B 214 -8.67 4.23 35.12
N GLY B 215 -9.10 3.12 35.71
CA GLY B 215 -10.41 3.01 36.33
C GLY B 215 -11.48 2.78 35.28
S SO4 C . 10.93 -6.24 -20.23
O1 SO4 C . 11.77 -6.82 -21.28
O2 SO4 C . 11.90 -5.61 -19.35
O3 SO4 C . 10.01 -5.24 -20.81
O4 SO4 C . 10.11 -7.31 -19.74
UNK UNX D . 15.30 11.45 -11.49
NI NI E . -6.68 -19.46 23.75
UNK UNX F . 7.86 -3.68 22.00
UNK UNX G . 1.48 1.99 16.42
#